data_1TE5
#
_entry.id   1TE5
#
_cell.length_a   61.630
_cell.length_b   66.600
_cell.length_c   131.520
_cell.angle_alpha   90.00
_cell.angle_beta   90.00
_cell.angle_gamma   90.00
#
_symmetry.space_group_name_H-M   'P 21 21 21'
#
loop_
_entity.id
_entity.type
_entity.pdbx_description
1 polymer 'conserved hypothetical protein'
2 water water
#
_entity_poly.entity_id   1
_entity_poly.type   'polypeptide(L)'
_entity_poly.pdbx_seq_one_letter_code
;MCELLGMSANVPTDIVFSFTGLMQRGGGTGPHRDGWGIAFYEGRGVRLFQDPLASVDSEVARLVQRFPIKSETVIGHIRQ
ANVGKVGLSNTHPFIRELGGRYWTFAHNGQLADFQPKPGFYRPVGETDSEAAFCDLLNRVRRAFPEPVPVEVLLPVLISA
CDEYRKKGVFNALISDGDWLFTFCSSKLAYITRRAPFGPARLKDADLTVDFHAETTPDDVVTVIATEPLTDNENWTLQQS
GEWVLWWGGEVLAKGRV
;
_entity_poly.pdbx_strand_id   A,B
#
# COMPACT_ATOMS: atom_id res chain seq x y z
N CYS A 2 -4.01 -16.87 16.89
CA CYS A 2 -2.87 -16.06 16.36
C CYS A 2 -3.18 -15.56 14.95
N GLU A 3 -4.29 -14.85 14.80
CA GLU A 3 -4.70 -14.31 13.50
C GLU A 3 -4.57 -12.79 13.44
N LEU A 4 -5.36 -12.07 14.22
CA LEU A 4 -5.28 -10.61 14.25
C LEU A 4 -4.08 -10.23 15.11
N LEU A 5 -3.38 -9.16 14.73
CA LEU A 5 -2.21 -8.71 15.47
C LEU A 5 -2.00 -7.20 15.33
N GLY A 6 -2.12 -6.49 16.44
CA GLY A 6 -1.93 -5.06 16.42
C GLY A 6 -0.95 -4.58 17.47
N MET A 7 -0.57 -3.31 17.35
CA MET A 7 0.33 -2.68 18.29
C MET A 7 0.13 -1.18 18.27
N SER A 8 0.07 -0.60 19.46
CA SER A 8 -0.07 0.84 19.64
C SER A 8 1.02 1.17 20.63
N ALA A 9 1.92 2.08 20.26
CA ALA A 9 3.02 2.49 21.12
C ALA A 9 3.12 4.01 21.18
N ASN A 10 3.86 4.52 22.15
CA ASN A 10 4.04 5.97 22.28
C ASN A 10 5.38 6.50 21.76
N VAL A 11 6.14 5.61 21.13
CA VAL A 11 7.43 5.92 20.52
C VAL A 11 7.56 4.93 19.38
N PRO A 12 8.29 5.28 18.31
CA PRO A 12 8.43 4.31 17.21
C PRO A 12 9.25 3.09 17.69
N THR A 13 8.61 1.94 17.80
CA THR A 13 9.30 0.74 18.30
C THR A 13 9.53 -0.35 17.25
N ASP A 14 10.62 -1.10 17.44
CA ASP A 14 11.00 -2.20 16.56
C ASP A 14 10.10 -3.41 16.68
N ILE A 15 9.83 -4.05 15.54
CA ILE A 15 9.01 -5.26 15.46
C ILE A 15 9.59 -6.13 14.35
N VAL A 16 10.25 -7.24 14.71
CA VAL A 16 10.79 -8.11 13.68
C VAL A 16 9.91 -9.32 13.44
N PHE A 17 9.42 -9.44 12.21
CA PHE A 17 8.60 -10.58 11.86
C PHE A 17 9.53 -11.59 11.22
N SER A 18 9.45 -12.82 11.69
CA SER A 18 10.25 -13.90 11.16
C SER A 18 9.28 -15.02 10.79
N PHE A 19 8.98 -15.15 9.52
CA PHE A 19 8.12 -16.24 9.07
C PHE A 19 9.03 -17.46 8.94
N THR A 20 8.70 -18.53 9.66
CA THR A 20 9.49 -19.74 9.56
C THR A 20 9.29 -20.22 8.12
N GLY A 21 10.38 -20.48 7.41
CA GLY A 21 10.28 -20.95 6.04
C GLY A 21 9.43 -22.21 5.96
N LEU A 22 8.79 -22.42 4.83
CA LEU A 22 7.94 -23.59 4.62
C LEU A 22 8.65 -24.91 4.97
N MET A 23 7.87 -25.90 5.41
CA MET A 23 8.42 -27.21 5.74
C MET A 23 7.34 -28.29 5.77
N GLN A 24 7.75 -29.55 5.60
CA GLN A 24 6.81 -30.67 5.64
C GLN A 24 6.47 -30.96 7.11
N ARG A 25 5.21 -30.75 7.49
CA ARG A 25 4.78 -30.95 8.88
C ARG A 25 3.59 -31.89 9.11
N GLY A 26 3.01 -31.78 10.31
CA GLY A 26 1.86 -32.59 10.69
C GLY A 26 0.55 -31.93 10.31
N GLY A 27 0.62 -30.64 9.95
CA GLY A 27 -0.57 -29.91 9.56
C GLY A 27 -0.53 -28.43 9.89
N GLY A 28 -0.60 -27.59 8.85
CA GLY A 28 -0.56 -26.16 9.06
C GLY A 28 0.05 -25.40 7.90
N THR A 29 1.38 -25.30 7.92
CA THR A 29 2.11 -24.61 6.87
C THR A 29 3.12 -25.59 6.25
N GLY A 30 2.59 -26.55 5.50
CA GLY A 30 3.41 -27.55 4.83
C GLY A 30 3.99 -27.07 3.52
N PRO A 31 3.55 -27.64 2.39
CA PRO A 31 4.08 -27.18 1.10
C PRO A 31 3.57 -25.76 0.85
N HIS A 32 2.45 -25.41 1.49
CA HIS A 32 1.84 -24.08 1.30
C HIS A 32 1.92 -23.19 2.56
N ARG A 33 1.45 -21.96 2.41
CA ARG A 33 1.40 -20.96 3.49
C ARG A 33 0.11 -20.17 3.43
N ASP A 34 -0.53 -19.98 4.58
CA ASP A 34 -1.76 -19.22 4.65
C ASP A 34 -1.51 -17.73 4.49
N GLY A 35 -2.46 -17.06 3.84
CA GLY A 35 -2.37 -15.61 3.61
C GLY A 35 -2.11 -14.74 4.82
N TRP A 36 -1.39 -13.65 4.61
CA TRP A 36 -1.05 -12.74 5.71
C TRP A 36 -1.02 -11.28 5.28
N GLY A 37 -0.92 -10.39 6.25
CA GLY A 37 -0.89 -8.97 5.93
C GLY A 37 -0.40 -8.18 7.12
N ILE A 38 0.48 -7.22 6.87
CA ILE A 38 1.03 -6.39 7.92
C ILE A 38 1.13 -4.95 7.43
N ALA A 39 0.36 -4.07 8.06
CA ALA A 39 0.37 -2.66 7.72
C ALA A 39 0.86 -1.92 8.95
N PHE A 40 1.66 -0.89 8.74
CA PHE A 40 2.17 -0.09 9.84
C PHE A 40 2.41 1.34 9.39
N TYR A 41 2.51 2.26 10.34
CA TYR A 41 2.70 3.66 10.02
C TYR A 41 4.07 4.26 10.26
N GLU A 42 4.40 5.24 9.44
CA GLU A 42 5.65 5.98 9.52
C GLU A 42 5.28 7.45 9.39
N GLY A 43 4.68 7.94 10.47
CA GLY A 43 4.15 9.30 10.46
C GLY A 43 2.69 9.12 10.02
N ARG A 44 2.24 9.86 9.00
CA ARG A 44 0.88 9.67 8.51
C ARG A 44 0.88 8.65 7.39
N GLY A 45 2.06 8.36 6.85
CA GLY A 45 2.20 7.39 5.79
C GLY A 45 2.04 5.97 6.30
N VAL A 46 1.63 5.05 5.42
CA VAL A 46 1.42 3.65 5.81
C VAL A 46 2.12 2.68 4.84
N ARG A 47 2.71 1.64 5.39
CA ARG A 47 3.37 0.62 4.58
C ARG A 47 2.53 -0.66 4.66
N LEU A 48 2.35 -1.32 3.53
CA LEU A 48 1.57 -2.54 3.48
C LEU A 48 2.28 -3.69 2.75
N PHE A 49 2.39 -4.81 3.44
CA PHE A 49 3.02 -6.01 2.88
C PHE A 49 1.98 -7.09 3.13
N GLN A 50 1.52 -7.74 2.05
CA GLN A 50 0.52 -8.79 2.18
C GLN A 50 0.65 -9.82 1.07
N ASP A 51 0.05 -10.98 1.26
CA ASP A 51 0.15 -12.05 0.30
C ASP A 51 -0.93 -13.09 0.55
N PRO A 52 -1.65 -13.50 -0.50
CA PRO A 52 -2.70 -14.51 -0.32
C PRO A 52 -2.04 -15.87 -0.20
N LEU A 53 -2.82 -16.94 -0.30
CA LEU A 53 -2.31 -18.30 -0.21
C LEU A 53 -1.08 -18.45 -1.11
N ALA A 54 0.01 -19.07 -0.60
CA ALA A 54 1.27 -19.30 -1.29
C ALA A 54 1.92 -20.68 -1.13
N SER A 55 2.41 -21.25 -2.23
CA SER A 55 3.06 -22.57 -2.21
C SER A 55 4.55 -22.46 -2.25
N VAL A 56 5.00 -21.19 -2.16
CA VAL A 56 6.41 -20.88 -2.20
C VAL A 56 6.70 -19.75 -1.19
N ASP A 57 7.97 -19.55 -0.84
CA ASP A 57 8.35 -18.46 0.06
C ASP A 57 8.51 -17.24 -0.85
N SER A 58 7.44 -16.44 -0.96
CA SER A 58 7.44 -15.27 -1.83
C SER A 58 8.39 -14.12 -1.48
N GLU A 59 8.52 -13.17 -2.40
CA GLU A 59 9.38 -12.01 -2.24
C GLU A 59 8.81 -11.02 -1.24
N VAL A 60 7.48 -10.92 -1.19
CA VAL A 60 6.80 -10.03 -0.25
C VAL A 60 6.97 -10.57 1.18
N ALA A 61 7.04 -11.89 1.29
CA ALA A 61 7.23 -12.58 2.55
C ALA A 61 8.65 -12.33 3.04
N ARG A 62 9.57 -12.13 2.10
CA ARG A 62 10.95 -11.85 2.43
C ARG A 62 11.10 -10.35 2.71
N LEU A 63 10.29 -9.55 2.02
CA LEU A 63 10.30 -8.11 2.19
C LEU A 63 9.97 -7.66 3.61
N VAL A 64 8.91 -8.20 4.21
CA VAL A 64 8.55 -7.82 5.59
C VAL A 64 9.65 -8.14 6.57
N GLN A 65 10.32 -9.26 6.34
CA GLN A 65 11.40 -9.71 7.21
C GLN A 65 12.69 -8.92 7.07
N ARG A 66 13.01 -8.44 5.86
CA ARG A 66 14.24 -7.69 5.66
C ARG A 66 14.16 -6.18 5.95
N PHE A 67 12.93 -5.68 6.06
CA PHE A 67 12.69 -4.27 6.33
C PHE A 67 12.78 -3.93 7.82
N PRO A 68 13.68 -3.01 8.21
CA PRO A 68 13.78 -2.66 9.63
C PRO A 68 12.53 -1.84 9.96
N ILE A 69 11.52 -2.49 10.53
CA ILE A 69 10.27 -1.86 10.90
C ILE A 69 10.37 -1.15 12.25
N LYS A 70 9.76 0.02 12.33
CA LYS A 70 9.76 0.82 13.55
C LYS A 70 8.59 1.80 13.50
N SER A 71 7.48 1.45 14.16
CA SER A 71 6.31 2.30 14.18
C SER A 71 5.54 2.32 15.50
N GLU A 72 4.52 3.18 15.55
CA GLU A 72 3.67 3.32 16.73
C GLU A 72 2.35 2.59 16.54
N THR A 73 2.02 2.29 15.29
CA THR A 73 0.76 1.61 14.97
C THR A 73 0.94 0.50 13.93
N VAL A 74 0.59 -0.72 14.34
CA VAL A 74 0.71 -1.88 13.48
C VAL A 74 -0.58 -2.68 13.49
N ILE A 75 -1.09 -3.00 12.31
CA ILE A 75 -2.29 -3.80 12.17
C ILE A 75 -1.96 -4.92 11.19
N GLY A 76 -2.26 -6.15 11.57
CA GLY A 76 -1.97 -7.27 10.70
C GLY A 76 -2.95 -8.42 10.88
N HIS A 77 -2.96 -9.31 9.89
CA HIS A 77 -3.84 -10.48 9.93
C HIS A 77 -3.07 -11.65 9.32
N ILE A 78 -2.71 -12.60 10.17
CA ILE A 78 -1.95 -13.77 9.73
C ILE A 78 -2.87 -14.99 9.60
N ARG A 79 -2.48 -15.95 8.77
CA ARG A 79 -3.25 -17.17 8.57
C ARG A 79 -4.73 -16.91 8.34
N GLN A 80 -5.01 -16.14 7.30
CA GLN A 80 -6.38 -15.80 6.96
C GLN A 80 -7.02 -17.01 6.29
N ALA A 81 -8.18 -17.40 6.81
CA ALA A 81 -8.93 -18.56 6.30
C ALA A 81 -8.95 -18.63 4.79
N ASN A 82 -8.60 -19.79 4.27
CA ASN A 82 -8.57 -20.05 2.82
C ASN A 82 -10.00 -20.06 2.25
N VAL A 83 -10.98 -19.86 3.12
CA VAL A 83 -12.40 -19.85 2.75
C VAL A 83 -12.77 -18.89 1.62
N GLY A 84 -13.57 -19.38 0.68
CA GLY A 84 -13.92 -18.44 -0.34
C GLY A 84 -12.95 -18.33 -1.49
N LYS A 85 -12.70 -17.08 -1.92
CA LYS A 85 -11.83 -16.72 -3.01
C LYS A 85 -10.41 -16.33 -2.62
N VAL A 86 -9.55 -16.41 -3.64
CA VAL A 86 -8.14 -16.11 -3.53
C VAL A 86 -7.81 -14.73 -4.06
N GLY A 87 -6.53 -14.56 -4.30
CA GLY A 87 -6.05 -13.30 -4.85
C GLY A 87 -5.75 -12.22 -3.84
N LEU A 88 -4.87 -11.29 -4.25
CA LEU A 88 -4.44 -10.16 -3.43
C LEU A 88 -5.60 -9.24 -3.02
N SER A 89 -6.59 -9.07 -3.88
CA SER A 89 -7.72 -8.20 -3.57
C SER A 89 -8.57 -8.71 -2.41
N ASN A 90 -8.33 -9.95 -2.00
CA ASN A 90 -9.06 -10.58 -0.91
C ASN A 90 -8.19 -10.84 0.32
N THR A 91 -7.03 -10.20 0.37
CA THR A 91 -6.09 -10.37 1.47
C THR A 91 -6.10 -9.12 2.40
N HIS A 92 -6.18 -9.37 3.71
CA HIS A 92 -6.19 -8.32 4.74
C HIS A 92 -4.77 -7.93 5.05
N PRO A 93 -4.56 -6.73 5.60
CA PRO A 93 -5.60 -5.73 5.92
C PRO A 93 -5.93 -4.83 4.71
N PHE A 94 -6.96 -3.99 4.85
CA PHE A 94 -7.38 -3.09 3.78
C PHE A 94 -7.14 -1.63 4.15
N ILE A 95 -6.79 -0.81 3.16
CA ILE A 95 -6.52 0.61 3.37
C ILE A 95 -7.43 1.50 2.53
N ARG A 96 -7.78 2.66 3.09
CA ARG A 96 -8.62 3.64 2.40
C ARG A 96 -8.52 4.96 3.14
N GLU A 97 -8.33 6.05 2.41
CA GLU A 97 -8.23 7.36 3.07
C GLU A 97 -9.58 8.01 3.29
N LEU A 98 -9.72 8.61 4.47
CA LEU A 98 -10.90 9.33 4.90
C LEU A 98 -10.35 10.49 5.73
N GLY A 99 -10.76 11.70 5.39
CA GLY A 99 -10.31 12.86 6.14
C GLY A 99 -8.81 13.16 6.07
N GLY A 100 -8.15 12.71 5.01
CA GLY A 100 -6.73 12.98 4.89
C GLY A 100 -5.87 12.10 5.77
N ARG A 101 -6.43 10.97 6.18
CA ARG A 101 -5.73 9.98 7.00
C ARG A 101 -5.92 8.62 6.33
N TYR A 102 -4.90 7.76 6.35
CA TYR A 102 -5.06 6.43 5.76
C TYR A 102 -5.67 5.52 6.82
N TRP A 103 -6.80 4.92 6.52
CA TRP A 103 -7.43 4.02 7.48
C TRP A 103 -7.03 2.60 7.18
N THR A 104 -6.78 1.81 8.22
CA THR A 104 -6.38 0.41 8.07
C THR A 104 -7.41 -0.46 8.79
N PHE A 105 -7.81 -1.56 8.15
CA PHE A 105 -8.82 -2.46 8.71
C PHE A 105 -8.46 -3.94 8.59
N ALA A 106 -8.65 -4.68 9.68
CA ALA A 106 -8.39 -6.11 9.69
C ALA A 106 -9.55 -6.76 10.42
N HIS A 107 -10.14 -7.78 9.80
CA HIS A 107 -11.29 -8.49 10.36
C HIS A 107 -11.11 -10.02 10.40
N ASN A 108 -11.42 -10.59 11.55
CA ASN A 108 -11.35 -12.03 11.73
C ASN A 108 -12.75 -12.51 12.06
N GLY A 109 -13.24 -13.46 11.27
CA GLY A 109 -14.58 -13.97 11.52
C GLY A 109 -15.37 -14.07 10.22
N GLN A 110 -16.61 -14.54 10.32
CA GLN A 110 -17.45 -14.69 9.14
C GLN A 110 -18.82 -14.02 9.32
N LEU A 111 -19.29 -13.38 8.25
CA LEU A 111 -20.58 -12.69 8.27
C LEU A 111 -21.58 -13.35 7.32
N ALA A 112 -22.75 -13.70 7.82
CA ALA A 112 -23.78 -14.34 7.02
C ALA A 112 -24.84 -13.34 6.56
N ASP A 113 -25.29 -13.50 5.32
CA ASP A 113 -26.32 -12.62 4.74
C ASP A 113 -25.97 -11.15 4.96
N PHE A 114 -24.74 -10.79 4.60
CA PHE A 114 -24.27 -9.41 4.74
C PHE A 114 -24.34 -8.74 3.39
N GLN A 115 -25.17 -7.71 3.28
CA GLN A 115 -25.37 -7.00 2.02
C GLN A 115 -25.56 -5.49 2.18
N PRO A 116 -24.50 -4.78 2.62
CA PRO A 116 -24.57 -3.33 2.81
C PRO A 116 -24.92 -2.57 1.55
N LYS A 117 -25.58 -1.43 1.71
CA LYS A 117 -25.96 -0.59 0.57
C LYS A 117 -24.71 0.08 -0.01
N PRO A 118 -24.48 -0.08 -1.32
CA PRO A 118 -23.32 0.51 -1.99
C PRO A 118 -23.25 2.01 -1.72
N GLY A 119 -22.05 2.49 -1.45
CA GLY A 119 -21.87 3.90 -1.14
C GLY A 119 -20.62 4.49 -1.73
N PHE A 120 -20.11 5.53 -1.08
CA PHE A 120 -18.89 6.24 -1.49
C PHE A 120 -17.74 5.27 -1.72
N TYR A 121 -17.46 4.47 -0.69
CA TYR A 121 -16.40 3.47 -0.75
C TYR A 121 -16.96 2.16 -1.25
N ARG A 122 -16.22 1.52 -2.15
CA ARG A 122 -16.64 0.25 -2.71
C ARG A 122 -15.48 -0.75 -2.61
N PRO A 123 -15.79 -2.02 -2.29
CA PRO A 123 -14.71 -3.00 -2.18
C PRO A 123 -14.14 -3.33 -3.57
N VAL A 124 -12.83 -3.59 -3.61
CA VAL A 124 -12.15 -3.98 -4.83
C VAL A 124 -12.23 -5.51 -4.96
N GLY A 125 -12.14 -6.19 -3.81
CA GLY A 125 -12.24 -7.63 -3.73
C GLY A 125 -13.64 -8.09 -3.40
N GLU A 126 -13.81 -9.38 -3.15
CA GLU A 126 -15.13 -9.92 -2.85
C GLU A 126 -15.34 -10.31 -1.40
N THR A 127 -14.37 -10.04 -0.54
CA THR A 127 -14.47 -10.40 0.87
C THR A 127 -15.62 -9.68 1.56
N ASP A 128 -16.16 -10.32 2.60
CA ASP A 128 -17.21 -9.72 3.39
C ASP A 128 -16.50 -8.70 4.29
N SER A 129 -15.25 -8.98 4.60
CA SER A 129 -14.45 -8.11 5.44
C SER A 129 -14.31 -6.71 4.82
N GLU A 130 -13.99 -6.67 3.53
CA GLU A 130 -13.81 -5.41 2.83
C GLU A 130 -15.13 -4.68 2.63
N ALA A 131 -16.21 -5.44 2.43
CA ALA A 131 -17.54 -4.88 2.27
C ALA A 131 -17.92 -4.20 3.58
N ALA A 132 -17.51 -4.80 4.69
CA ALA A 132 -17.77 -4.28 6.02
C ALA A 132 -16.94 -3.03 6.26
N PHE A 133 -15.70 -3.05 5.80
CA PHE A 133 -14.79 -1.91 5.96
C PHE A 133 -15.33 -0.66 5.26
N CYS A 134 -15.67 -0.82 3.99
CA CYS A 134 -16.22 0.27 3.20
C CYS A 134 -17.51 0.80 3.80
N ASP A 135 -18.40 -0.10 4.19
CA ASP A 135 -19.68 0.29 4.77
C ASP A 135 -19.49 1.13 6.03
N LEU A 136 -18.58 0.68 6.90
CA LEU A 136 -18.28 1.39 8.14
C LEU A 136 -17.73 2.77 7.80
N LEU A 137 -16.95 2.82 6.72
CA LEU A 137 -16.35 4.05 6.23
C LEU A 137 -17.42 4.99 5.70
N ASN A 138 -18.46 4.42 5.10
CA ASN A 138 -19.56 5.20 4.54
C ASN A 138 -20.41 5.83 5.62
N ARG A 139 -20.54 5.14 6.74
CA ARG A 139 -21.31 5.61 7.87
C ARG A 139 -20.58 6.73 8.57
N VAL A 140 -19.26 6.63 8.63
CA VAL A 140 -18.43 7.66 9.26
C VAL A 140 -18.40 8.89 8.37
N ARG A 141 -18.29 8.69 7.06
CA ARG A 141 -18.26 9.80 6.12
C ARG A 141 -19.59 10.53 6.03
N ARG A 142 -20.70 9.79 6.14
CA ARG A 142 -22.02 10.40 6.08
C ARG A 142 -22.32 11.20 7.35
N ALA A 143 -22.05 10.60 8.51
CA ALA A 143 -22.28 11.25 9.79
C ALA A 143 -21.28 12.38 10.08
N PHE A 144 -20.09 12.31 9.48
CA PHE A 144 -19.06 13.32 9.71
C PHE A 144 -18.34 13.71 8.42
N PRO A 145 -18.95 14.60 7.64
CA PRO A 145 -18.40 15.09 6.37
C PRO A 145 -17.01 15.69 6.54
N GLU A 146 -16.84 16.39 7.67
CA GLU A 146 -15.56 17.02 7.98
C GLU A 146 -14.89 16.33 9.15
N PRO A 147 -13.53 16.32 9.16
CA PRO A 147 -12.73 15.71 10.23
C PRO A 147 -13.26 16.08 11.61
N VAL A 148 -13.47 15.07 12.42
CA VAL A 148 -13.99 15.25 13.77
C VAL A 148 -13.12 14.45 14.75
N PRO A 149 -12.90 14.97 15.97
CA PRO A 149 -12.09 14.26 16.96
C PRO A 149 -12.58 12.82 17.19
N VAL A 150 -11.69 11.96 17.66
CA VAL A 150 -11.98 10.55 17.88
C VAL A 150 -13.25 10.21 18.68
N GLU A 151 -13.42 10.88 19.80
CA GLU A 151 -14.57 10.64 20.67
C GLU A 151 -15.88 10.87 19.96
N VAL A 152 -15.90 11.82 19.04
CA VAL A 152 -17.11 12.13 18.28
C VAL A 152 -17.47 10.98 17.33
N LEU A 153 -16.52 10.56 16.51
CA LEU A 153 -16.77 9.47 15.57
C LEU A 153 -16.73 8.08 16.23
N LEU A 154 -16.43 8.03 17.53
CA LEU A 154 -16.37 6.75 18.24
C LEU A 154 -17.71 6.01 18.25
N PRO A 155 -18.83 6.72 18.56
CA PRO A 155 -20.14 6.05 18.59
C PRO A 155 -20.52 5.37 17.28
N VAL A 156 -20.20 6.01 16.15
CA VAL A 156 -20.53 5.41 14.85
C VAL A 156 -19.75 4.12 14.64
N LEU A 157 -18.52 4.05 15.16
CA LEU A 157 -17.68 2.86 15.04
C LEU A 157 -18.32 1.69 15.78
N ILE A 158 -18.68 1.95 17.03
CA ILE A 158 -19.30 0.96 17.91
C ILE A 158 -20.62 0.47 17.35
N SER A 159 -21.39 1.39 16.79
CA SER A 159 -22.69 1.08 16.22
C SER A 159 -22.57 0.07 15.10
N ALA A 160 -21.72 0.37 14.13
CA ALA A 160 -21.51 -0.49 12.98
C ALA A 160 -21.02 -1.88 13.39
N CYS A 161 -20.09 -1.92 14.34
CA CYS A 161 -19.55 -3.18 14.83
C CYS A 161 -20.64 -4.02 15.46
N ASP A 162 -21.51 -3.36 16.22
CA ASP A 162 -22.63 -4.02 16.88
C ASP A 162 -23.54 -4.69 15.86
N GLU A 163 -23.84 -3.98 14.79
CA GLU A 163 -24.69 -4.50 13.73
C GLU A 163 -24.07 -5.66 12.99
N TYR A 164 -22.77 -5.57 12.73
CA TYR A 164 -22.06 -6.61 12.01
C TYR A 164 -22.00 -7.91 12.82
N ARG A 165 -21.83 -7.79 14.14
CA ARG A 165 -21.77 -8.96 15.01
C ARG A 165 -23.10 -9.69 15.10
N LYS A 166 -24.17 -9.01 14.70
CA LYS A 166 -25.50 -9.60 14.72
C LYS A 166 -25.62 -10.58 13.55
N LYS A 167 -24.71 -10.47 12.58
CA LYS A 167 -24.71 -11.36 11.43
C LYS A 167 -23.55 -12.36 11.38
N GLY A 168 -22.78 -12.44 12.46
CA GLY A 168 -21.66 -13.36 12.52
C GLY A 168 -20.53 -12.89 13.44
N VAL A 169 -19.38 -13.53 13.33
CA VAL A 169 -18.21 -13.17 14.14
C VAL A 169 -17.56 -11.92 13.57
N PHE A 170 -17.38 -10.91 14.41
CA PHE A 170 -16.75 -9.68 13.95
C PHE A 170 -15.68 -9.13 14.88
N ASN A 171 -14.49 -9.72 14.81
CA ASN A 171 -13.37 -9.26 15.60
C ASN A 171 -12.66 -8.34 14.61
N ALA A 172 -12.38 -7.10 15.01
CA ALA A 172 -11.74 -6.17 14.08
C ALA A 172 -10.76 -5.21 14.70
N LEU A 173 -9.86 -4.71 13.86
CA LEU A 173 -8.86 -3.73 14.25
C LEU A 173 -8.95 -2.62 13.21
N ILE A 174 -9.09 -1.39 13.68
CA ILE A 174 -9.18 -0.24 12.79
C ILE A 174 -8.26 0.86 13.29
N SER A 175 -7.70 1.64 12.38
CA SER A 175 -6.80 2.68 12.80
C SER A 175 -6.69 3.74 11.73
N ASP A 176 -6.48 4.97 12.14
CA ASP A 176 -6.23 6.03 11.17
C ASP A 176 -4.76 6.48 11.26
N GLY A 177 -3.96 5.68 11.97
CA GLY A 177 -2.56 5.98 12.15
C GLY A 177 -2.26 6.57 13.51
N ASP A 178 -3.29 7.12 14.15
CA ASP A 178 -3.16 7.72 15.48
C ASP A 178 -3.57 6.66 16.51
N TRP A 179 -4.87 6.49 16.61
CA TRP A 179 -5.48 5.54 17.52
C TRP A 179 -5.68 4.19 16.84
N LEU A 180 -5.91 3.18 17.66
CA LEU A 180 -6.14 1.84 17.16
C LEU A 180 -7.38 1.33 17.83
N PHE A 181 -8.48 1.29 17.08
CA PHE A 181 -9.75 0.81 17.58
C PHE A 181 -9.78 -0.71 17.55
N THR A 182 -10.20 -1.34 18.65
CA THR A 182 -10.35 -2.81 18.67
C THR A 182 -11.80 -3.13 19.03
N PHE A 183 -12.26 -4.24 18.53
CA PHE A 183 -13.61 -4.74 18.77
C PHE A 183 -13.55 -6.26 18.84
N CYS A 184 -14.10 -6.80 19.92
CA CYS A 184 -14.11 -8.24 20.13
C CYS A 184 -15.51 -8.83 20.05
N SER A 185 -15.64 -9.94 19.34
CA SER A 185 -16.91 -10.62 19.19
C SER A 185 -16.74 -12.07 19.66
N SER A 186 -15.63 -12.66 19.22
CA SER A 186 -15.28 -14.04 19.55
C SER A 186 -14.20 -13.99 20.63
N LYS A 187 -12.97 -13.72 20.22
CA LYS A 187 -11.86 -13.63 21.14
C LYS A 187 -10.81 -12.66 20.64
N LEU A 188 -10.22 -11.95 21.59
CA LEU A 188 -9.19 -10.96 21.33
C LEU A 188 -8.53 -10.72 22.69
N ALA A 189 -7.27 -10.36 22.69
CA ALA A 189 -6.56 -10.13 23.94
C ALA A 189 -5.49 -9.07 23.77
N TYR A 190 -4.92 -8.60 24.88
CA TYR A 190 -3.87 -7.60 24.81
C TYR A 190 -2.96 -7.60 26.03
N ILE A 191 -1.83 -6.90 25.92
CA ILE A 191 -0.90 -6.77 27.01
C ILE A 191 -0.09 -5.50 26.87
N THR A 192 -0.13 -4.64 27.89
CA THR A 192 0.59 -3.39 27.87
C THR A 192 1.90 -3.57 28.61
N ARG A 193 2.99 -3.10 28.03
CA ARG A 193 4.30 -3.20 28.65
C ARG A 193 4.82 -1.80 28.91
N ARG A 194 5.14 -1.51 30.16
CA ARG A 194 5.64 -0.19 30.54
C ARG A 194 7.12 -0.20 30.88
N ALA A 195 7.85 0.79 30.38
CA ALA A 195 9.28 0.90 30.64
C ALA A 195 9.52 0.97 32.14
N PRO A 196 10.57 0.30 32.63
CA PRO A 196 11.51 -0.50 31.83
C PRO A 196 10.99 -1.91 31.54
N PHE A 197 11.32 -2.41 30.35
CA PHE A 197 10.95 -3.75 29.95
C PHE A 197 12.06 -4.32 29.08
N GLY A 198 12.25 -5.64 29.15
CA GLY A 198 13.28 -6.26 28.33
C GLY A 198 12.69 -6.83 27.06
N PRO A 199 13.52 -7.35 26.15
CA PRO A 199 13.04 -7.93 24.90
C PRO A 199 12.09 -9.10 25.11
N ALA A 200 11.06 -9.17 24.28
CA ALA A 200 10.08 -10.24 24.38
C ALA A 200 9.94 -10.88 23.02
N ARG A 201 9.64 -12.17 23.01
CA ARG A 201 9.46 -12.89 21.76
C ARG A 201 8.08 -13.50 21.72
N LEU A 202 7.23 -13.01 20.81
CA LEU A 202 5.91 -13.56 20.68
C LEU A 202 6.06 -14.54 19.55
N LYS A 203 5.19 -15.58 19.53
CA LYS A 203 5.28 -16.50 18.46
C LYS A 203 4.04 -17.41 18.26
N ASP A 204 3.89 -17.80 16.96
CA ASP A 204 2.86 -18.63 16.45
C ASP A 204 3.50 -20.00 16.39
N ALA A 205 3.07 -20.79 15.39
CA ALA A 205 3.67 -22.09 15.20
C ALA A 205 4.68 -21.97 14.07
N ASP A 206 4.39 -21.03 13.17
CA ASP A 206 5.24 -20.75 11.98
C ASP A 206 5.50 -19.27 11.88
N LEU A 207 5.64 -18.61 13.05
CA LEU A 207 5.91 -17.18 13.05
C LEU A 207 6.55 -16.75 14.36
N THR A 208 7.33 -15.67 14.30
CA THR A 208 8.00 -15.12 15.47
C THR A 208 8.10 -13.61 15.32
N VAL A 209 7.63 -12.87 16.32
CA VAL A 209 7.73 -11.43 16.29
C VAL A 209 8.45 -10.99 17.55
N ASP A 210 9.66 -10.49 17.37
CA ASP A 210 10.48 -10.06 18.48
C ASP A 210 10.38 -8.60 18.78
N PHE A 211 10.45 -8.28 20.07
CA PHE A 211 10.40 -6.92 20.58
C PHE A 211 11.68 -6.68 21.37
N HIS A 212 12.22 -5.46 21.28
CA HIS A 212 13.45 -5.12 21.98
C HIS A 212 13.19 -4.48 23.34
N ALA A 213 14.26 -3.96 23.94
CA ALA A 213 14.18 -3.28 25.23
C ALA A 213 13.63 -1.88 25.01
N GLU A 214 13.42 -1.12 26.09
CA GLU A 214 12.87 0.23 25.98
C GLU A 214 13.82 1.26 25.37
N THR A 215 13.22 2.17 24.60
CA THR A 215 13.92 3.26 23.92
C THR A 215 14.20 4.40 24.90
N THR A 216 13.17 4.73 25.67
CA THR A 216 13.22 5.80 26.68
C THR A 216 12.60 5.25 27.97
N PRO A 217 12.83 5.92 29.10
CA PRO A 217 12.25 5.44 30.36
C PRO A 217 10.74 5.67 30.48
N ASP A 218 10.14 6.18 29.42
CA ASP A 218 8.70 6.44 29.40
C ASP A 218 7.95 5.66 28.34
N ASP A 219 8.57 4.60 27.82
CA ASP A 219 7.93 3.79 26.80
C ASP A 219 6.69 3.02 27.28
N VAL A 220 5.70 2.94 26.41
CA VAL A 220 4.49 2.19 26.68
C VAL A 220 4.12 1.56 25.35
N VAL A 221 4.12 0.24 25.30
CA VAL A 221 3.77 -0.47 24.06
C VAL A 221 2.78 -1.57 24.35
N THR A 222 1.67 -1.56 23.61
CA THR A 222 0.60 -2.53 23.74
C THR A 222 0.47 -3.41 22.53
N VAL A 223 0.36 -4.71 22.77
CA VAL A 223 0.21 -5.68 21.71
C VAL A 223 -1.18 -6.26 21.83
N ILE A 224 -1.86 -6.43 20.69
CA ILE A 224 -3.21 -6.99 20.65
C ILE A 224 -3.17 -8.19 19.69
N ALA A 225 -3.71 -9.32 20.13
CA ALA A 225 -3.73 -10.52 19.31
C ALA A 225 -5.05 -11.23 19.50
N THR A 226 -5.33 -12.22 18.66
CA THR A 226 -6.57 -12.99 18.77
C THR A 226 -6.55 -13.73 20.11
N GLU A 227 -5.35 -14.09 20.55
CA GLU A 227 -5.14 -14.77 21.82
C GLU A 227 -3.68 -14.62 22.22
N PRO A 228 -3.39 -14.63 23.53
CA PRO A 228 -2.03 -14.50 24.05
C PRO A 228 -1.00 -15.27 23.24
N LEU A 229 0.12 -14.62 22.96
CA LEU A 229 1.20 -15.22 22.21
C LEU A 229 2.36 -15.53 23.15
N THR A 230 2.28 -14.98 24.35
CA THR A 230 3.29 -15.20 25.39
C THR A 230 2.54 -15.84 26.56
N ASP A 231 3.23 -16.68 27.34
CA ASP A 231 2.57 -17.32 28.48
C ASP A 231 2.00 -16.26 29.42
N ASN A 232 0.67 -16.25 29.51
CA ASN A 232 -0.12 -15.33 30.33
C ASN A 232 0.62 -14.59 31.45
N GLU A 233 0.67 -13.27 31.32
CA GLU A 233 1.32 -12.42 32.32
C GLU A 233 0.25 -11.39 32.65
N ASN A 234 0.31 -10.28 31.92
CA ASN A 234 -0.64 -9.19 32.05
C ASN A 234 -1.61 -9.28 30.90
N TRP A 235 -1.66 -10.45 30.27
CA TRP A 235 -2.56 -10.66 29.14
C TRP A 235 -4.01 -10.60 29.61
N THR A 236 -4.68 -9.53 29.22
CA THR A 236 -6.08 -9.33 29.56
C THR A 236 -6.91 -9.90 28.42
N LEU A 237 -7.90 -10.72 28.74
CA LEU A 237 -8.78 -11.29 27.72
C LEU A 237 -10.06 -10.49 27.55
N GLN A 238 -10.37 -10.16 26.31
CA GLN A 238 -11.57 -9.41 26.00
C GLN A 238 -12.77 -10.34 25.76
N GLN A 239 -13.94 -9.87 26.18
CA GLN A 239 -15.20 -10.62 26.02
C GLN A 239 -15.98 -10.09 24.83
N SER A 240 -17.01 -10.82 24.45
CA SER A 240 -17.86 -10.45 23.33
C SER A 240 -18.51 -9.09 23.60
N GLY A 241 -18.42 -8.19 22.60
CA GLY A 241 -19.01 -6.86 22.71
C GLY A 241 -18.10 -5.78 23.22
N GLU A 242 -16.93 -6.17 23.72
CA GLU A 242 -15.98 -5.21 24.26
C GLU A 242 -15.07 -4.57 23.22
N TRP A 243 -15.02 -3.24 23.27
CA TRP A 243 -14.19 -2.47 22.37
C TRP A 243 -13.23 -1.67 23.22
N VAL A 244 -12.10 -1.28 22.63
CA VAL A 244 -11.11 -0.48 23.34
C VAL A 244 -10.49 0.46 22.32
N LEU A 245 -10.24 1.70 22.73
CA LEU A 245 -9.61 2.66 21.84
C LEU A 245 -8.25 2.91 22.44
N TRP A 246 -7.23 2.61 21.64
CA TRP A 246 -5.85 2.78 22.02
C TRP A 246 -5.28 3.99 21.31
N TRP A 247 -4.20 4.50 21.88
CA TRP A 247 -3.48 5.64 21.33
C TRP A 247 -2.31 5.81 22.27
N GLY A 248 -1.10 5.74 21.73
CA GLY A 248 0.10 5.87 22.54
C GLY A 248 0.27 4.72 23.53
N GLY A 249 -0.31 3.57 23.20
CA GLY A 249 -0.22 2.40 24.07
C GLY A 249 -1.13 2.50 25.29
N GLU A 250 -1.83 3.62 25.42
CA GLU A 250 -2.73 3.81 26.55
C GLU A 250 -4.16 3.66 26.15
N VAL A 251 -4.99 3.21 27.09
CA VAL A 251 -6.41 3.07 26.82
C VAL A 251 -7.00 4.50 26.93
N LEU A 252 -7.68 4.91 25.86
CA LEU A 252 -8.32 6.22 25.79
C LEU A 252 -9.75 6.06 26.34
N ALA A 253 -10.46 5.04 25.83
CA ALA A 253 -11.82 4.74 26.25
C ALA A 253 -12.11 3.28 25.93
N LYS A 254 -13.10 2.71 26.61
CA LYS A 254 -13.50 1.31 26.39
C LYS A 254 -14.95 1.07 26.81
N CYS B 2 15.32 10.08 -15.88
CA CYS B 2 14.97 8.71 -15.41
C CYS B 2 14.28 8.78 -14.06
N GLU B 3 13.11 9.42 -14.04
CA GLU B 3 12.34 9.56 -12.81
C GLU B 3 11.06 8.72 -12.84
N LEU B 4 10.21 8.98 -13.83
CA LEU B 4 8.97 8.22 -14.00
C LEU B 4 9.26 6.95 -14.80
N LEU B 5 8.56 5.88 -14.47
CA LEU B 5 8.73 4.61 -15.17
C LEU B 5 7.45 3.79 -15.03
N GLY B 6 6.85 3.44 -16.15
CA GLY B 6 5.65 2.64 -16.12
C GLY B 6 5.78 1.48 -17.08
N MET B 7 4.84 0.55 -17.01
CA MET B 7 4.82 -0.59 -17.91
C MET B 7 3.40 -1.10 -18.05
N SER B 8 3.03 -1.38 -19.29
CA SER B 8 1.72 -1.92 -19.60
C SER B 8 2.02 -3.13 -20.49
N ALA B 9 1.53 -4.30 -20.10
CA ALA B 9 1.76 -5.51 -20.86
C ALA B 9 0.52 -6.38 -20.92
N ASN B 10 0.49 -7.30 -21.89
CA ASN B 10 -0.66 -8.18 -22.05
C ASN B 10 -0.59 -9.51 -21.30
N VAL B 11 0.55 -9.77 -20.66
CA VAL B 11 0.76 -10.98 -19.85
C VAL B 11 1.62 -10.56 -18.68
N PRO B 12 1.44 -11.20 -17.51
CA PRO B 12 2.25 -10.83 -16.34
C PRO B 12 3.74 -10.98 -16.63
N THR B 13 4.46 -9.87 -16.76
CA THR B 13 5.90 -9.93 -17.07
C THR B 13 6.85 -9.55 -15.93
N ASP B 14 8.00 -10.21 -15.88
CA ASP B 14 9.01 -9.96 -14.86
C ASP B 14 9.77 -8.65 -15.07
N ILE B 15 10.10 -8.00 -13.96
CA ILE B 15 10.85 -6.75 -13.96
C ILE B 15 11.65 -6.75 -12.65
N VAL B 16 12.97 -6.81 -12.76
CA VAL B 16 13.79 -6.81 -11.56
C VAL B 16 14.52 -5.48 -11.44
N PHE B 17 14.38 -4.86 -10.28
CA PHE B 17 15.02 -3.57 -10.02
C PHE B 17 16.23 -3.81 -9.14
N SER B 18 17.42 -3.56 -9.69
CA SER B 18 18.66 -3.73 -8.93
C SER B 18 19.13 -2.34 -8.53
N PHE B 19 18.78 -1.94 -7.31
CA PHE B 19 19.21 -0.64 -6.84
C PHE B 19 20.66 -0.72 -6.42
N THR B 20 21.51 -0.07 -7.19
CA THR B 20 22.93 -0.06 -6.91
C THR B 20 23.14 0.53 -5.52
N GLY B 21 23.60 -0.32 -4.62
CA GLY B 21 23.85 0.09 -3.25
C GLY B 21 24.64 1.37 -3.17
N LEU B 22 24.50 2.04 -2.02
CA LEU B 22 25.18 3.30 -1.74
C LEU B 22 26.70 3.20 -1.85
N MET B 23 27.30 4.25 -2.43
CA MET B 23 28.75 4.32 -2.60
C MET B 23 29.22 5.78 -2.76
N GLN B 24 30.47 6.04 -2.37
CA GLN B 24 31.04 7.37 -2.48
C GLN B 24 31.35 7.64 -3.96
N ARG B 25 30.66 8.64 -4.53
CA ARG B 25 30.84 8.99 -5.95
C ARG B 25 31.17 10.46 -6.22
N GLY B 26 30.95 10.88 -7.47
CA GLY B 26 31.19 12.26 -7.86
C GLY B 26 29.99 13.15 -7.58
N GLY B 27 28.83 12.53 -7.40
CA GLY B 27 27.62 13.28 -7.12
C GLY B 27 26.35 12.56 -7.56
N GLY B 28 25.49 12.24 -6.60
CA GLY B 28 24.24 11.56 -6.91
C GLY B 28 23.69 10.76 -5.73
N THR B 29 24.16 9.51 -5.62
CA THR B 29 23.73 8.63 -4.55
C THR B 29 24.97 8.22 -3.72
N GLY B 30 25.51 9.19 -2.98
CA GLY B 30 26.68 8.94 -2.16
C GLY B 30 26.29 8.24 -0.87
N PRO B 31 26.53 8.88 0.29
CA PRO B 31 26.16 8.24 1.56
C PRO B 31 24.64 8.06 1.67
N HIS B 32 23.89 8.97 1.03
CA HIS B 32 22.43 8.92 1.05
C HIS B 32 21.87 8.24 -0.21
N ARG B 33 20.55 8.14 -0.27
CA ARG B 33 19.88 7.53 -1.42
C ARG B 33 18.66 8.35 -1.80
N ASP B 34 18.47 8.54 -3.11
CA ASP B 34 17.30 9.26 -3.58
C ASP B 34 16.12 8.28 -3.44
N GLY B 35 14.99 8.80 -3.00
CA GLY B 35 13.82 7.96 -2.82
C GLY B 35 13.29 7.33 -4.09
N TRP B 36 12.44 6.34 -3.91
CA TRP B 36 11.84 5.64 -5.02
C TRP B 36 10.53 5.03 -4.54
N GLY B 37 9.67 4.70 -5.49
CA GLY B 37 8.39 4.11 -5.15
C GLY B 37 7.93 3.33 -6.34
N ILE B 38 7.43 2.13 -6.08
CA ILE B 38 6.96 1.27 -7.16
C ILE B 38 5.66 0.59 -6.77
N ALA B 39 4.69 0.72 -7.65
CA ALA B 39 3.40 0.09 -7.45
C ALA B 39 3.13 -0.80 -8.66
N PHE B 40 2.47 -1.92 -8.43
CA PHE B 40 2.14 -2.84 -9.50
C PHE B 40 0.93 -3.67 -9.08
N TYR B 41 0.20 -4.18 -10.06
CA TYR B 41 -0.98 -4.96 -9.77
C TYR B 41 -0.84 -6.46 -9.87
N GLU B 42 -1.77 -7.13 -9.22
CA GLU B 42 -1.85 -8.58 -9.22
C GLU B 42 -3.36 -8.74 -9.28
N GLY B 43 -3.88 -8.73 -10.50
CA GLY B 43 -5.31 -8.80 -10.68
C GLY B 43 -5.78 -7.38 -10.42
N ARG B 44 -6.76 -7.23 -9.53
CA ARG B 44 -7.25 -5.90 -9.17
C ARG B 44 -6.55 -5.37 -7.91
N GLY B 45 -5.82 -6.23 -7.21
CA GLY B 45 -5.08 -5.81 -6.04
C GLY B 45 -3.81 -5.11 -6.47
N VAL B 46 -3.29 -4.25 -5.59
CA VAL B 46 -2.07 -3.51 -5.89
C VAL B 46 -1.05 -3.65 -4.77
N ARG B 47 0.23 -3.55 -5.13
CA ARG B 47 1.31 -3.64 -4.16
C ARG B 47 2.09 -2.34 -4.28
N LEU B 48 2.55 -1.81 -3.14
CA LEU B 48 3.33 -0.58 -3.14
C LEU B 48 4.58 -0.75 -2.28
N PHE B 49 5.74 -0.46 -2.89
CA PHE B 49 7.03 -0.56 -2.20
C PHE B 49 7.75 0.75 -2.35
N GLN B 50 8.18 1.29 -1.23
CA GLN B 50 8.90 2.55 -1.21
C GLN B 50 10.21 2.34 -0.46
N ASP B 51 11.22 3.12 -0.83
CA ASP B 51 12.54 2.99 -0.21
C ASP B 51 12.54 2.82 1.29
N PRO B 52 13.33 1.87 1.80
CA PRO B 52 13.44 1.60 3.24
C PRO B 52 14.05 2.81 3.94
N LEU B 53 13.70 2.98 5.21
CA LEU B 53 14.23 4.09 6.00
C LEU B 53 15.53 3.63 6.70
N ALA B 54 16.45 3.08 5.92
CA ALA B 54 17.73 2.61 6.43
C ALA B 54 18.86 3.44 5.81
N SER B 55 19.39 2.97 4.66
CA SER B 55 20.48 3.64 3.93
C SER B 55 21.76 3.87 4.76
N VAL B 56 21.73 3.47 6.03
CA VAL B 56 22.90 3.62 6.88
C VAL B 56 23.65 2.31 6.76
N ASP B 57 24.17 2.01 5.57
CA ASP B 57 24.92 0.79 5.32
C ASP B 57 26.40 0.78 5.68
N SER B 58 26.81 1.58 6.67
CA SER B 58 28.21 1.67 7.10
C SER B 58 29.14 2.00 5.92
N GLU B 59 28.54 2.57 4.87
CA GLU B 59 29.23 2.93 3.63
C GLU B 59 30.26 1.88 3.17
N VAL B 60 29.72 0.69 2.99
CA VAL B 60 30.47 -0.48 2.52
C VAL B 60 30.43 -0.43 0.99
N ALA B 61 31.52 -0.88 0.36
CA ALA B 61 31.64 -0.88 -1.10
C ALA B 61 30.37 -1.27 -1.86
N ARG B 62 30.10 -0.52 -2.92
CA ARG B 62 28.95 -0.67 -3.81
C ARG B 62 28.19 -2.00 -3.71
N LEU B 63 27.16 -2.04 -2.86
CA LEU B 63 26.36 -3.25 -2.66
C LEU B 63 24.96 -3.19 -3.27
N VAL B 64 24.84 -3.64 -4.52
CA VAL B 64 23.57 -3.63 -5.24
C VAL B 64 22.50 -4.55 -4.63
N GLN B 65 21.29 -4.01 -4.50
CA GLN B 65 20.17 -4.77 -3.92
C GLN B 65 19.08 -4.95 -4.98
N ARG B 66 18.64 -6.19 -5.16
CA ARG B 66 17.61 -6.55 -6.13
C ARG B 66 16.18 -6.53 -5.61
N PHE B 67 15.24 -6.18 -6.49
CA PHE B 67 13.80 -6.12 -6.18
C PHE B 67 12.96 -6.67 -7.32
N PRO B 68 12.78 -7.99 -7.35
CA PRO B 68 11.99 -8.70 -8.37
C PRO B 68 10.52 -8.33 -8.29
N ILE B 69 9.92 -8.08 -9.46
CA ILE B 69 8.51 -7.72 -9.58
C ILE B 69 7.97 -8.37 -10.85
N LYS B 70 6.72 -8.83 -10.78
CA LYS B 70 6.05 -9.44 -11.92
C LYS B 70 4.65 -8.85 -11.97
N SER B 71 4.30 -8.21 -13.09
CA SER B 71 2.97 -7.60 -13.21
C SER B 71 2.60 -7.18 -14.62
N GLU B 72 1.31 -6.95 -14.84
CA GLU B 72 0.84 -6.47 -16.14
C GLU B 72 0.84 -4.94 -16.15
N THR B 73 0.79 -4.34 -14.97
CA THR B 73 0.77 -2.88 -14.85
C THR B 73 1.67 -2.38 -13.72
N VAL B 74 2.69 -1.63 -14.09
CA VAL B 74 3.64 -1.06 -13.13
C VAL B 74 3.73 0.46 -13.29
N ILE B 75 3.72 1.18 -12.18
CA ILE B 75 3.87 2.64 -12.17
C ILE B 75 4.85 2.93 -11.05
N GLY B 76 5.92 3.65 -11.38
CA GLY B 76 6.91 3.99 -10.38
C GLY B 76 7.54 5.35 -10.56
N HIS B 77 8.12 5.85 -9.49
CA HIS B 77 8.81 7.13 -9.48
C HIS B 77 10.16 6.73 -8.89
N ILE B 78 11.10 6.44 -9.77
CA ILE B 78 12.44 5.98 -9.38
C ILE B 78 13.55 7.01 -9.23
N ARG B 79 13.23 8.19 -8.69
CA ARG B 79 14.23 9.22 -8.47
C ARG B 79 13.61 10.36 -7.67
N GLN B 80 13.41 10.11 -6.38
CA GLN B 80 12.82 11.10 -5.48
C GLN B 80 13.88 11.50 -4.45
N ALA B 81 13.48 11.55 -3.18
CA ALA B 81 14.39 11.88 -2.09
C ALA B 81 14.21 10.80 -1.04
N ASN B 82 15.30 10.44 -0.36
CA ASN B 82 15.25 9.44 0.69
C ASN B 82 14.00 9.67 1.52
N VAL B 83 13.21 8.63 1.74
CA VAL B 83 11.97 8.76 2.51
C VAL B 83 12.20 9.48 3.85
N GLY B 84 13.46 9.52 4.31
CA GLY B 84 13.77 10.19 5.54
C GLY B 84 13.79 11.70 5.34
N LYS B 85 13.95 12.12 4.10
CA LYS B 85 14.00 13.55 3.78
C LYS B 85 12.62 14.16 3.45
N VAL B 86 11.81 13.45 2.65
CA VAL B 86 10.48 13.96 2.32
C VAL B 86 9.37 13.34 3.15
N GLY B 87 9.64 12.17 3.72
CA GLY B 87 8.65 11.48 4.52
C GLY B 87 7.85 10.49 3.68
N LEU B 88 7.33 9.45 4.31
CA LEU B 88 6.56 8.45 3.60
C LEU B 88 5.27 8.98 2.95
N SER B 89 4.54 9.84 3.67
CA SER B 89 3.30 10.40 3.13
C SER B 89 3.50 11.25 1.89
N ASN B 90 4.75 11.66 1.62
CA ASN B 90 5.08 12.49 0.48
C ASN B 90 5.83 11.76 -0.62
N THR B 91 5.78 10.42 -0.57
CA THR B 91 6.47 9.60 -1.57
C THR B 91 5.49 9.02 -2.62
N HIS B 92 5.89 9.11 -3.87
CA HIS B 92 5.10 8.60 -5.00
C HIS B 92 5.39 7.10 -5.19
N PRO B 93 4.45 6.36 -5.82
CA PRO B 93 3.18 6.86 -6.35
C PRO B 93 2.11 6.85 -5.25
N PHE B 94 0.97 7.49 -5.50
CA PHE B 94 -0.12 7.57 -4.53
C PHE B 94 -1.24 6.62 -4.96
N ILE B 95 -1.93 6.03 -3.99
CA ILE B 95 -3.02 5.10 -4.26
C ILE B 95 -4.33 5.52 -3.59
N ARG B 96 -5.45 5.28 -4.27
CA ARG B 96 -6.77 5.60 -3.74
C ARG B 96 -7.80 4.80 -4.54
N GLU B 97 -8.83 4.27 -3.89
CA GLU B 97 -9.83 3.50 -4.62
C GLU B 97 -11.00 4.38 -5.09
N LEU B 98 -11.40 4.17 -6.34
CA LEU B 98 -12.51 4.91 -6.92
C LEU B 98 -13.29 3.89 -7.75
N GLY B 99 -14.55 3.68 -7.39
CA GLY B 99 -15.38 2.75 -8.13
C GLY B 99 -15.03 1.28 -7.95
N GLY B 100 -14.43 0.93 -6.81
CA GLY B 100 -14.06 -0.45 -6.56
C GLY B 100 -12.81 -0.90 -7.28
N ARG B 101 -11.92 0.04 -7.58
CA ARG B 101 -10.65 -0.23 -8.25
C ARG B 101 -9.59 0.64 -7.56
N TYR B 102 -8.36 0.13 -7.48
CA TYR B 102 -7.27 0.88 -6.89
C TYR B 102 -6.60 1.73 -7.98
N TRP B 103 -6.62 3.05 -7.79
CA TRP B 103 -6.03 3.98 -8.74
C TRP B 103 -4.60 4.35 -8.29
N THR B 104 -3.63 4.21 -9.19
CA THR B 104 -2.25 4.55 -8.86
C THR B 104 -1.92 5.87 -9.58
N PHE B 105 -1.00 6.65 -9.03
CA PHE B 105 -0.65 7.93 -9.63
C PHE B 105 0.80 8.30 -9.35
N ALA B 106 1.48 8.78 -10.37
CA ALA B 106 2.87 9.23 -10.24
C ALA B 106 2.95 10.49 -11.08
N HIS B 107 3.62 11.50 -10.53
CA HIS B 107 3.74 12.80 -11.19
C HIS B 107 5.14 13.36 -11.06
N ASN B 108 5.64 13.88 -12.18
CA ASN B 108 6.96 14.50 -12.24
C ASN B 108 6.75 15.93 -12.70
N GLY B 109 7.32 16.88 -11.97
CA GLY B 109 7.19 18.27 -12.34
C GLY B 109 6.78 19.13 -11.18
N GLN B 110 6.84 20.45 -11.35
CA GLN B 110 6.46 21.37 -10.29
C GLN B 110 5.25 22.20 -10.66
N LEU B 111 4.42 22.49 -9.66
CA LEU B 111 3.23 23.30 -9.85
C LEU B 111 3.33 24.53 -8.97
N ALA B 112 2.91 25.67 -9.51
CA ALA B 112 2.92 26.94 -8.78
C ALA B 112 1.49 27.41 -8.52
N ASP B 113 1.28 28.02 -7.37
CA ASP B 113 -0.04 28.54 -6.97
C ASP B 113 -1.17 27.55 -7.28
N PHE B 114 -0.95 26.30 -6.88
CA PHE B 114 -1.94 25.25 -7.09
C PHE B 114 -2.76 25.10 -5.81
N GLN B 115 -4.05 25.42 -5.88
CA GLN B 115 -4.92 25.34 -4.71
C GLN B 115 -6.31 24.76 -4.97
N PRO B 116 -6.38 23.45 -5.29
CA PRO B 116 -7.68 22.84 -5.55
C PRO B 116 -8.64 22.92 -4.37
N LYS B 117 -9.93 23.04 -4.68
CA LYS B 117 -10.96 23.11 -3.66
C LYS B 117 -11.05 21.74 -3.00
N PRO B 118 -11.09 21.71 -1.67
CA PRO B 118 -11.18 20.46 -0.91
C PRO B 118 -12.41 19.67 -1.39
N GLY B 119 -12.25 18.35 -1.47
CA GLY B 119 -13.34 17.51 -1.93
C GLY B 119 -13.35 16.16 -1.23
N PHE B 120 -14.02 15.20 -1.86
CA PHE B 120 -14.13 13.85 -1.30
C PHE B 120 -12.77 13.33 -0.85
N TYR B 121 -11.83 13.28 -1.79
CA TYR B 121 -10.47 12.81 -1.51
C TYR B 121 -9.61 13.95 -1.00
N ARG B 122 -8.76 13.66 -0.02
CA ARG B 122 -7.89 14.66 0.57
C ARG B 122 -6.48 14.12 0.73
N PRO B 123 -5.48 14.93 0.37
CA PRO B 123 -4.10 14.45 0.51
C PRO B 123 -3.72 14.22 1.98
N VAL B 124 -3.03 13.11 2.24
CA VAL B 124 -2.57 12.75 3.58
C VAL B 124 -1.25 13.49 3.80
N GLY B 125 -0.47 13.59 2.72
CA GLY B 125 0.81 14.27 2.74
C GLY B 125 0.69 15.73 2.34
N GLU B 126 1.82 16.37 2.04
CA GLU B 126 1.85 17.77 1.68
C GLU B 126 2.24 18.13 0.26
N THR B 127 2.42 17.14 -0.62
CA THR B 127 2.84 17.46 -1.98
C THR B 127 1.75 18.05 -2.85
N ASP B 128 2.18 18.82 -3.84
CA ASP B 128 1.22 19.38 -4.78
C ASP B 128 0.76 18.19 -5.63
N SER B 129 1.66 17.21 -5.81
CA SER B 129 1.39 16.00 -6.57
C SER B 129 0.18 15.25 -6.03
N GLU B 130 0.18 14.99 -4.73
CA GLU B 130 -0.94 14.29 -4.12
C GLU B 130 -2.19 15.16 -4.15
N ALA B 131 -1.98 16.47 -3.98
CA ALA B 131 -3.08 17.44 -4.01
C ALA B 131 -3.71 17.41 -5.39
N ALA B 132 -2.89 17.14 -6.40
CA ALA B 132 -3.34 17.08 -7.78
C ALA B 132 -4.11 15.78 -8.01
N PHE B 133 -3.57 14.69 -7.47
CA PHE B 133 -4.19 13.38 -7.62
C PHE B 133 -5.62 13.37 -7.06
N CYS B 134 -5.74 13.89 -5.84
CA CYS B 134 -7.03 13.96 -5.18
C CYS B 134 -8.03 14.83 -5.92
N ASP B 135 -7.54 15.93 -6.49
CA ASP B 135 -8.42 16.82 -7.23
C ASP B 135 -8.95 16.13 -8.50
N LEU B 136 -8.06 15.46 -9.21
CA LEU B 136 -8.44 14.74 -10.43
C LEU B 136 -9.43 13.63 -10.13
N LEU B 137 -9.29 13.00 -8.97
CA LEU B 137 -10.18 11.93 -8.55
C LEU B 137 -11.54 12.49 -8.21
N ASN B 138 -11.56 13.67 -7.60
CA ASN B 138 -12.80 14.35 -7.23
C ASN B 138 -13.62 14.72 -8.47
N ARG B 139 -12.92 15.20 -9.50
CA ARG B 139 -13.53 15.57 -10.75
C ARG B 139 -14.15 14.37 -11.44
N VAL B 140 -13.44 13.23 -11.38
CA VAL B 140 -13.93 12.00 -11.97
C VAL B 140 -15.12 11.46 -11.17
N ARG B 141 -15.04 11.49 -9.84
CA ARG B 141 -16.15 11.02 -9.01
C ARG B 141 -17.39 11.91 -9.11
N ARG B 142 -17.17 13.20 -9.32
CA ARG B 142 -18.29 14.12 -9.45
C ARG B 142 -18.97 13.89 -10.81
N ALA B 143 -18.17 13.89 -11.87
CA ALA B 143 -18.68 13.68 -13.23
C ALA B 143 -19.19 12.25 -13.47
N PHE B 144 -18.63 11.28 -12.74
CA PHE B 144 -19.02 9.88 -12.90
C PHE B 144 -19.28 9.19 -11.57
N PRO B 145 -20.48 9.41 -10.98
CA PRO B 145 -20.86 8.80 -9.71
C PRO B 145 -20.80 7.28 -9.76
N GLU B 146 -21.12 6.72 -10.92
CA GLU B 146 -21.09 5.27 -11.10
C GLU B 146 -20.02 4.89 -12.12
N PRO B 147 -19.46 3.67 -11.99
CA PRO B 147 -18.42 3.15 -12.87
C PRO B 147 -18.79 3.35 -14.32
N VAL B 148 -17.84 3.85 -15.11
CA VAL B 148 -18.08 4.14 -16.51
C VAL B 148 -16.88 3.69 -17.35
N PRO B 149 -17.11 3.27 -18.61
CA PRO B 149 -16.05 2.82 -19.52
C PRO B 149 -14.96 3.87 -19.69
N VAL B 150 -13.72 3.41 -19.81
CA VAL B 150 -12.56 4.27 -19.94
C VAL B 150 -12.77 5.46 -20.89
N GLU B 151 -13.31 5.17 -22.07
CA GLU B 151 -13.56 6.18 -23.10
C GLU B 151 -14.40 7.36 -22.64
N VAL B 152 -15.34 7.09 -21.73
CA VAL B 152 -16.22 8.12 -21.20
C VAL B 152 -15.50 8.98 -20.16
N LEU B 153 -14.72 8.33 -19.31
CA LEU B 153 -13.99 9.07 -18.29
C LEU B 153 -12.70 9.67 -18.85
N LEU B 154 -12.35 9.30 -20.08
CA LEU B 154 -11.13 9.80 -20.72
C LEU B 154 -11.04 11.33 -20.82
N PRO B 155 -12.11 11.99 -21.31
CA PRO B 155 -12.12 13.45 -21.43
C PRO B 155 -11.83 14.20 -20.14
N VAL B 156 -12.38 13.75 -19.03
CA VAL B 156 -12.16 14.41 -17.74
C VAL B 156 -10.70 14.28 -17.28
N LEU B 157 -10.04 13.18 -17.66
CA LEU B 157 -8.64 12.95 -17.32
C LEU B 157 -7.75 13.92 -18.08
N ILE B 158 -8.10 14.12 -19.35
CA ILE B 158 -7.36 15.04 -20.23
C ILE B 158 -7.56 16.50 -19.79
N SER B 159 -8.79 16.85 -19.43
CA SER B 159 -9.17 18.19 -18.98
C SER B 159 -8.35 18.60 -17.76
N ALA B 160 -8.39 17.76 -16.72
CA ALA B 160 -7.67 18.01 -15.49
C ALA B 160 -6.19 18.24 -15.74
N CYS B 161 -5.56 17.33 -16.48
CA CYS B 161 -4.15 17.44 -16.79
C CYS B 161 -3.83 18.74 -17.51
N ASP B 162 -4.67 19.10 -18.47
CA ASP B 162 -4.51 20.33 -19.22
C ASP B 162 -4.48 21.52 -18.29
N GLU B 163 -5.37 21.52 -17.31
CA GLU B 163 -5.46 22.61 -16.35
C GLU B 163 -4.22 22.68 -15.48
N TYR B 164 -3.79 21.52 -14.99
CA TYR B 164 -2.62 21.47 -14.13
C TYR B 164 -1.36 21.90 -14.88
N ARG B 165 -1.31 21.66 -16.19
CA ARG B 165 -0.13 22.03 -16.96
C ARG B 165 -0.05 23.53 -17.22
N LYS B 166 -1.14 24.22 -16.93
CA LYS B 166 -1.20 25.67 -17.08
C LYS B 166 -0.50 26.31 -15.88
N LYS B 167 -0.29 25.52 -14.82
CA LYS B 167 0.36 25.99 -13.60
C LYS B 167 1.74 25.40 -13.33
N GLY B 168 2.28 24.66 -14.29
CA GLY B 168 3.59 24.07 -14.11
C GLY B 168 3.80 22.86 -14.99
N VAL B 169 4.79 22.05 -14.65
CA VAL B 169 5.08 20.84 -15.39
C VAL B 169 4.23 19.70 -14.83
N PHE B 170 3.52 18.99 -15.70
CA PHE B 170 2.68 17.91 -15.25
C PHE B 170 2.83 16.62 -16.07
N ASN B 171 3.90 15.89 -15.80
CA ASN B 171 4.13 14.61 -16.45
C ASN B 171 3.55 13.62 -15.45
N ALA B 172 2.57 12.82 -15.87
CA ALA B 172 1.96 11.88 -14.95
C ALA B 172 1.58 10.55 -15.55
N LEU B 173 1.44 9.57 -14.66
CA LEU B 173 1.05 8.21 -15.01
C LEU B 173 -0.09 7.87 -14.06
N ILE B 174 -1.20 7.43 -14.64
CA ILE B 174 -2.37 7.07 -13.85
C ILE B 174 -2.80 5.67 -14.30
N SER B 175 -3.43 4.92 -13.40
CA SER B 175 -3.90 3.58 -13.74
C SER B 175 -4.93 3.06 -12.75
N ASP B 176 -5.86 2.25 -13.23
CA ASP B 176 -6.89 1.64 -12.37
C ASP B 176 -6.65 0.12 -12.29
N GLY B 177 -5.53 -0.31 -12.84
CA GLY B 177 -5.19 -1.72 -12.84
C GLY B 177 -5.29 -2.31 -14.23
N ASP B 178 -6.23 -1.79 -15.02
CA ASP B 178 -6.45 -2.25 -16.40
C ASP B 178 -5.62 -1.45 -17.37
N TRP B 179 -5.97 -0.17 -17.49
CA TRP B 179 -5.29 0.74 -18.40
C TRP B 179 -4.25 1.58 -17.70
N LEU B 180 -3.36 2.16 -18.49
CA LEU B 180 -2.31 3.02 -17.97
C LEU B 180 -2.39 4.33 -18.74
N PHE B 181 -2.80 5.38 -18.06
CA PHE B 181 -2.91 6.69 -18.68
C PHE B 181 -1.59 7.43 -18.57
N THR B 182 -1.13 8.04 -19.65
CA THR B 182 0.10 8.85 -19.59
C THR B 182 -0.23 10.26 -20.08
N PHE B 183 0.49 11.21 -19.53
CA PHE B 183 0.35 12.62 -19.90
C PHE B 183 1.72 13.30 -19.91
N CYS B 184 2.03 13.98 -20.99
CA CYS B 184 3.31 14.67 -21.14
C CYS B 184 3.16 16.19 -21.16
N SER B 185 4.09 16.87 -20.48
CA SER B 185 4.12 18.32 -20.43
C SER B 185 5.54 18.72 -20.81
N SER B 186 6.50 18.09 -20.13
CA SER B 186 7.92 18.34 -20.33
C SER B 186 8.49 17.26 -21.23
N LYS B 187 8.59 16.04 -20.72
CA LYS B 187 9.13 14.93 -21.48
C LYS B 187 8.74 13.57 -20.94
N LEU B 188 8.42 12.67 -21.85
CA LEU B 188 8.01 11.30 -21.54
C LEU B 188 8.25 10.52 -22.82
N ALA B 189 8.60 9.26 -22.68
CA ALA B 189 8.85 8.43 -23.86
C ALA B 189 8.41 7.00 -23.62
N TYR B 190 8.28 6.23 -24.71
CA TYR B 190 7.86 4.84 -24.60
C TYR B 190 8.42 3.97 -25.71
N ILE B 191 8.36 2.67 -25.48
CA ILE B 191 8.82 1.69 -26.45
C ILE B 191 8.05 0.41 -26.23
N THR B 192 7.34 -0.02 -27.27
CA THR B 192 6.56 -1.25 -27.21
C THR B 192 7.41 -2.36 -27.81
N ARG B 193 7.50 -3.46 -27.09
CA ARG B 193 8.26 -4.62 -27.53
C ARG B 193 7.29 -5.75 -27.83
N ARG B 194 7.39 -6.33 -29.02
CA ARG B 194 6.51 -7.43 -29.43
C ARG B 194 7.27 -8.75 -29.58
N ALA B 195 6.63 -9.83 -29.15
CA ALA B 195 7.22 -11.16 -29.25
C ALA B 195 7.42 -11.56 -30.71
N PRO B 196 8.58 -12.19 -31.00
CA PRO B 196 9.63 -12.50 -30.04
C PRO B 196 10.64 -11.38 -29.76
N PHE B 197 11.07 -11.31 -28.50
CA PHE B 197 12.04 -10.32 -28.06
C PHE B 197 12.93 -10.94 -27.00
N GLY B 198 14.19 -10.54 -27.00
CA GLY B 198 15.13 -11.07 -26.04
C GLY B 198 15.22 -10.20 -24.81
N PRO B 199 15.85 -10.69 -23.74
CA PRO B 199 16.00 -9.92 -22.50
C PRO B 199 16.63 -8.56 -22.75
N ALA B 200 16.13 -7.56 -22.03
CA ALA B 200 16.62 -6.19 -22.14
C ALA B 200 17.00 -5.67 -20.76
N ARG B 201 18.02 -4.83 -20.71
CA ARG B 201 18.47 -4.24 -19.47
C ARG B 201 18.43 -2.73 -19.56
N LEU B 202 17.45 -2.13 -18.89
CA LEU B 202 17.33 -0.68 -18.85
C LEU B 202 18.20 -0.24 -17.69
N LYS B 203 18.91 0.87 -17.83
CA LYS B 203 19.70 1.27 -16.69
C LYS B 203 19.75 2.77 -16.45
N ASP B 204 19.73 3.13 -15.17
CA ASP B 204 19.81 4.51 -14.75
C ASP B 204 21.30 4.68 -14.43
N ALA B 205 21.62 5.46 -13.42
CA ALA B 205 23.02 5.65 -13.03
C ALA B 205 23.29 4.79 -11.78
N ASP B 206 22.26 4.67 -10.96
CA ASP B 206 22.28 3.90 -9.72
C ASP B 206 21.10 2.96 -9.69
N LEU B 207 20.75 2.43 -10.85
CA LEU B 207 19.65 1.51 -10.96
C LEU B 207 19.81 0.71 -12.24
N THR B 208 19.12 -0.41 -12.29
CA THR B 208 19.12 -1.30 -13.44
C THR B 208 17.81 -2.05 -13.38
N VAL B 209 17.05 -2.01 -14.45
CA VAL B 209 15.81 -2.74 -14.49
C VAL B 209 15.90 -3.73 -15.64
N ASP B 210 15.94 -5.01 -15.30
CA ASP B 210 16.06 -6.05 -16.30
C ASP B 210 14.73 -6.65 -16.72
N PHE B 211 14.66 -6.99 -18.01
CA PHE B 211 13.48 -7.60 -18.61
C PHE B 211 13.92 -8.92 -19.24
N HIS B 212 13.01 -9.90 -19.29
CA HIS B 212 13.34 -11.21 -19.83
C HIS B 212 12.79 -11.41 -21.24
N ALA B 213 12.96 -12.61 -21.77
CA ALA B 213 12.47 -12.93 -23.10
C ALA B 213 10.95 -13.08 -23.02
N GLU B 214 10.32 -13.39 -24.14
CA GLU B 214 8.86 -13.54 -24.16
C GLU B 214 8.37 -14.79 -23.41
N THR B 215 7.19 -14.65 -22.81
CA THR B 215 6.55 -15.74 -22.09
C THR B 215 5.82 -16.58 -23.14
N THR B 216 5.12 -15.92 -24.04
CA THR B 216 4.39 -16.59 -25.11
C THR B 216 4.80 -15.88 -26.41
N PRO B 217 4.41 -16.45 -27.56
CA PRO B 217 4.77 -15.78 -28.83
C PRO B 217 3.85 -14.60 -29.16
N ASP B 218 2.92 -14.30 -28.27
CA ASP B 218 1.95 -13.20 -28.45
C ASP B 218 2.16 -12.04 -27.48
N ASP B 219 3.32 -12.00 -26.82
CA ASP B 219 3.64 -10.95 -25.86
C ASP B 219 3.77 -9.55 -26.45
N VAL B 220 3.33 -8.58 -25.66
CA VAL B 220 3.40 -7.16 -26.01
C VAL B 220 3.64 -6.43 -24.69
N VAL B 221 4.81 -5.82 -24.55
CA VAL B 221 5.12 -5.08 -23.34
C VAL B 221 5.68 -3.69 -23.65
N THR B 222 4.98 -2.68 -23.16
CA THR B 222 5.35 -1.29 -23.34
C THR B 222 5.92 -0.69 -22.08
N VAL B 223 7.07 -0.05 -22.23
CA VAL B 223 7.74 0.59 -21.11
C VAL B 223 7.65 2.10 -21.35
N ILE B 224 7.29 2.83 -20.30
CA ILE B 224 7.17 4.28 -20.36
C ILE B 224 8.18 4.84 -19.36
N ALA B 225 8.97 5.81 -19.79
CA ALA B 225 9.97 6.43 -18.93
C ALA B 225 10.06 7.91 -19.24
N THR B 226 10.61 8.71 -18.31
CA THR B 226 10.74 10.14 -18.55
C THR B 226 11.57 10.36 -19.80
N GLU B 227 12.49 9.44 -20.05
CA GLU B 227 13.33 9.49 -21.24
C GLU B 227 13.93 8.11 -21.49
N PRO B 228 14.18 7.76 -22.76
CA PRO B 228 14.76 6.48 -23.18
C PRO B 228 15.86 5.95 -22.26
N LEU B 229 15.70 4.71 -21.81
CA LEU B 229 16.67 4.07 -20.92
C LEU B 229 17.64 3.15 -21.69
N THR B 230 17.25 2.82 -22.92
CA THR B 230 18.05 1.99 -23.81
C THR B 230 18.48 2.86 -24.99
N ASP B 231 19.64 2.59 -25.57
CA ASP B 231 20.08 3.37 -26.70
C ASP B 231 19.01 3.31 -27.79
N ASN B 232 18.29 4.43 -27.94
CA ASN B 232 17.20 4.62 -28.91
C ASN B 232 17.00 3.56 -29.99
N GLU B 233 15.82 2.97 -29.99
CA GLU B 233 15.44 1.94 -30.95
C GLU B 233 14.12 2.44 -31.56
N ASN B 234 13.02 1.95 -30.98
CA ASN B 234 11.67 2.33 -31.37
C ASN B 234 11.13 3.26 -30.31
N TRP B 235 12.03 3.86 -29.54
CA TRP B 235 11.67 4.79 -28.49
C TRP B 235 10.99 6.00 -29.10
N THR B 236 9.69 6.11 -28.86
CA THR B 236 8.91 7.22 -29.36
C THR B 236 8.92 8.33 -28.31
N LEU B 237 9.32 9.53 -28.73
CA LEU B 237 9.36 10.66 -27.82
C LEU B 237 8.02 11.38 -27.83
N GLN B 238 7.51 11.71 -26.64
CA GLN B 238 6.24 12.42 -26.52
C GLN B 238 6.48 13.92 -26.35
N GLN B 239 5.61 14.73 -26.96
CA GLN B 239 5.69 16.19 -26.90
C GLN B 239 4.69 16.72 -25.90
N SER B 240 4.84 17.98 -25.54
CA SER B 240 3.95 18.64 -24.59
C SER B 240 2.49 18.52 -25.02
N GLY B 241 1.62 18.17 -24.08
CA GLY B 241 0.20 18.04 -24.38
C GLY B 241 -0.27 16.70 -24.89
N GLU B 242 0.67 15.79 -25.13
CA GLU B 242 0.32 14.46 -25.62
C GLU B 242 0.02 13.45 -24.53
N TRP B 243 -1.09 12.74 -24.69
CA TRP B 243 -1.51 11.73 -23.74
C TRP B 243 -1.71 10.42 -24.50
N VAL B 244 -1.66 9.31 -23.77
CA VAL B 244 -1.84 8.00 -24.38
C VAL B 244 -2.51 7.12 -23.36
N LEU B 245 -3.50 6.35 -23.79
CA LEU B 245 -4.18 5.45 -22.90
C LEU B 245 -3.77 4.03 -23.33
N TRP B 246 -3.00 3.37 -22.49
CA TRP B 246 -2.53 2.02 -22.74
C TRP B 246 -3.45 0.97 -22.12
N TRP B 247 -3.40 -0.23 -22.66
CA TRP B 247 -4.17 -1.36 -22.16
C TRP B 247 -3.57 -2.58 -22.84
N GLY B 248 -3.03 -3.50 -22.03
CA GLY B 248 -2.41 -4.69 -22.59
C GLY B 248 -1.25 -4.36 -23.52
N GLY B 249 -0.47 -3.34 -23.15
CA GLY B 249 0.66 -2.94 -23.96
C GLY B 249 0.29 -2.27 -25.26
N GLU B 250 -1.00 -2.26 -25.61
CA GLU B 250 -1.44 -1.63 -26.86
C GLU B 250 -1.98 -0.23 -26.62
N VAL B 251 -1.89 0.61 -27.64
CA VAL B 251 -2.42 1.96 -27.54
C VAL B 251 -3.92 1.84 -27.75
N LEU B 252 -4.69 2.34 -26.80
CA LEU B 252 -6.14 2.32 -26.88
C LEU B 252 -6.59 3.60 -27.58
N ALA B 253 -6.05 4.73 -27.11
CA ALA B 253 -6.36 6.06 -27.64
C ALA B 253 -5.22 7.03 -27.29
N LYS B 254 -5.07 8.09 -28.07
CA LYS B 254 -4.04 9.11 -27.84
C LYS B 254 -4.47 10.47 -28.40
#